data_3RWK
#
_entry.id   3RWK
#
_cell.length_a   95.760
_cell.length_b   95.760
_cell.length_c   130.820
_cell.angle_alpha   90.00
_cell.angle_beta   90.00
_cell.angle_gamma   120.00
#
_symmetry.space_group_name_H-M   'P 31 2 1'
#
loop_
_entity.id
_entity.type
_entity.pdbx_description
1 polymer Inulinase
2 branched alpha-D-mannopyranose-(1-3)-alpha-D-mannopyranose-(1-6)-alpha-D-mannopyranose
3 branched beta-D-mannopyranose-(1-4)-2-acetamido-2-deoxy-beta-D-glucopyranose-(1-4)-2-acetamido-2-deoxy-beta-D-glucopyranose
4 non-polymer beta-D-fructofuranose
5 non-polymer 'SODIUM ION'
6 non-polymer 'SULFATE ION'
7 non-polymer 'ACETATE ION'
8 water water
#
_entity_poly.entity_id   1
_entity_poly.type   'polypeptide(L)'
_entity_poly.pdbx_seq_one_letter_code
;MLNPKVAYMVWMTCLGLTLPSQAQSNDYRPSYHFTPDQYWMNEPNGLIKIGSTWHLFFQHNPTANVWGNICWGHATSTDL
MHWAHKPTAIADENGVEAFTGTAYYDPNNTSGLGDSANPPYLAWFTGYTTSSQTQDQRLAFSVDNGATWTKFQGNPIIST
SQEAPHDITGGLESRDPKVFFHRQSGNWIMVLAHGGQDKLSFWTSADTINWTWQSDLKSTSINGLSSDITGWEVPDMFEL
PVEGTEETTWVVMMTPAEGSPAGGNGVLAITGSFDGKSFTADPVDASTMWLDNGRDFDGALSWVNVPASDGRRIIAAVMN
SYGSNPPTTTWKGMLSFPRTLSLKKVGTQQHFVQQPITELDTISTSLQILANQTITPGQTLLSSIRGTALDVRVAFYPDA
GSVLSLAVRKGASEQTVIKYTQSDATLSVDRTESGDISYDPAAGGVHTAKLEEDGTGLVSIRVLVDTCSVEVFGGQGEAV
ISDLIFPSDSSDGLALEVTGGNAVLQSVDVRSVSLE
;
_entity_poly.pdbx_strand_id   X
#
# COMPACT_ATOMS: atom_id res chain seq x y z
N GLN A 24 0.26 -7.68 24.49
CA GLN A 24 1.61 -8.20 24.74
C GLN A 24 2.13 -7.17 25.63
N SER A 25 1.44 -7.05 26.76
CA SER A 25 1.38 -5.80 27.49
C SER A 25 0.43 -4.82 26.82
N ASN A 26 0.53 -4.71 25.50
CA ASN A 26 -0.22 -3.70 24.76
C ASN A 26 -0.64 -4.19 23.38
N ASP A 27 -1.00 -5.48 23.30
CA ASP A 27 -1.64 -6.02 22.11
C ASP A 27 -0.88 -5.61 20.84
N TYR A 28 0.44 -5.52 20.95
CA TYR A 28 1.28 -5.12 19.83
C TYR A 28 0.77 -3.89 19.03
N ARG A 29 -0.03 -3.00 19.64
CA ARG A 29 -0.53 -1.82 18.92
C ARG A 29 0.65 -1.02 18.38
N PRO A 30 0.64 -0.76 17.07
CA PRO A 30 1.64 0.14 16.49
C PRO A 30 1.56 1.51 17.18
N SER A 31 2.68 2.18 17.44
CA SER A 31 2.53 3.52 17.97
C SER A 31 2.49 4.67 16.95
N TYR A 32 2.81 4.44 15.68
CA TYR A 32 2.71 5.54 14.68
C TYR A 32 2.08 5.10 13.34
N HIS A 33 1.59 3.85 13.30
CA HIS A 33 0.86 3.43 12.11
C HIS A 33 -0.64 3.39 12.51
N PHE A 34 -1.52 3.57 11.53
CA PHE A 34 -2.98 3.41 11.72
C PHE A 34 -3.42 1.98 11.99
N THR A 35 -4.27 1.80 12.98
CA THR A 35 -4.99 0.54 13.16
C THR A 35 -6.40 0.95 13.52
N PRO A 36 -7.40 0.07 13.27
CA PRO A 36 -8.78 0.48 13.58
C PRO A 36 -8.90 0.66 15.06
N ASP A 37 -9.80 1.54 15.48
CA ASP A 37 -9.94 1.78 16.92
C ASP A 37 -10.30 0.45 17.59
N GLN A 38 -11.06 -0.40 16.90
CA GLN A 38 -11.32 -1.77 17.35
C GLN A 38 -11.54 -2.66 16.16
N TYR A 39 -11.19 -3.94 16.32
CA TYR A 39 -11.59 -4.98 15.40
C TYR A 39 -10.68 -4.99 14.16
N TRP A 40 -11.19 -5.53 13.04
CA TRP A 40 -10.37 -6.01 11.94
C TRP A 40 -10.40 -5.07 10.73
N MET A 41 -9.24 -4.77 10.18
CA MET A 41 -9.27 -3.99 8.91
C MET A 41 -8.64 -4.79 7.79
N ASN A 42 -9.06 -4.53 6.55
CA ASN A 42 -8.38 -5.11 5.41
C ASN A 42 -7.89 -3.91 4.60
N GLU A 43 -8.03 -3.92 3.29
CA GLU A 43 -7.47 -2.90 2.48
C GLU A 43 -8.13 -1.51 2.69
N PRO A 44 -7.36 -0.45 2.45
CA PRO A 44 -7.98 0.90 2.43
C PRO A 44 -8.99 1.08 1.28
N ASN A 45 -9.89 2.05 1.41
CA ASN A 45 -10.93 2.30 0.41
C ASN A 45 -11.01 3.81 0.23
N GLY A 46 -11.48 4.25 -0.93
CA GLY A 46 -11.95 5.65 -1.06
C GLY A 46 -10.96 6.70 -0.59
N LEU A 47 -9.68 6.44 -0.78
CA LEU A 47 -8.64 7.41 -0.38
C LEU A 47 -8.84 8.77 -1.11
N ILE A 48 -9.08 9.85 -0.36
CA ILE A 48 -9.31 11.17 -0.98
C ILE A 48 -8.94 12.35 -0.08
N LYS A 49 -8.36 13.39 -0.66
CA LYS A 49 -8.12 14.62 0.11
C LYS A 49 -9.25 15.61 -0.18
N ILE A 50 -9.82 16.16 0.89
CA ILE A 50 -10.92 17.12 0.81
C ILE A 50 -10.52 18.35 1.64
N GLY A 51 -10.24 19.44 0.96
CA GLY A 51 -9.76 20.62 1.67
C GLY A 51 -8.42 20.28 2.26
N SER A 52 -8.26 20.59 3.55
CA SER A 52 -7.02 20.28 4.24
C SER A 52 -7.15 18.94 5.00
N THR A 53 -8.21 18.18 4.72
CA THR A 53 -8.39 16.86 5.32
C THR A 53 -8.07 15.69 4.37
N TRP A 54 -7.20 14.80 4.83
CA TRP A 54 -6.97 13.49 4.15
C TRP A 54 -8.02 12.52 4.69
N HIS A 55 -8.78 11.88 3.81
CA HIS A 55 -9.75 10.90 4.20
C HIS A 55 -9.19 9.50 3.95
N LEU A 56 -9.39 8.64 4.95
CA LEU A 56 -9.05 7.22 4.89
C LEU A 56 -10.30 6.40 5.17
N PHE A 57 -10.72 5.57 4.22
CA PHE A 57 -11.70 4.54 4.54
C PHE A 57 -10.99 3.20 4.40
N PHE A 58 -11.63 2.15 4.84
CA PHE A 58 -11.02 0.86 4.71
C PHE A 58 -12.09 -0.20 4.96
N GLN A 59 -11.82 -1.42 4.48
CA GLN A 59 -12.65 -2.57 4.73
C GLN A 59 -12.58 -2.89 6.20
N HIS A 60 -13.72 -2.81 6.89
CA HIS A 60 -13.81 -3.04 8.32
C HIS A 60 -14.73 -4.20 8.68
N ASN A 61 -14.26 -5.08 9.57
CA ASN A 61 -15.01 -6.21 10.09
C ASN A 61 -15.16 -5.95 11.59
N PRO A 62 -16.23 -5.24 12.03
CA PRO A 62 -16.46 -5.06 13.49
C PRO A 62 -16.81 -6.35 14.24
N THR A 63 -17.21 -7.41 13.55
CA THR A 63 -17.53 -8.68 14.26
C THR A 63 -16.25 -9.33 14.79
N ALA A 64 -15.14 -9.04 14.11
CA ALA A 64 -13.85 -9.57 14.53
C ALA A 64 -13.82 -11.13 14.59
N ASN A 65 -14.43 -11.78 13.60
CA ASN A 65 -14.12 -13.17 13.22
C ASN A 65 -14.35 -13.26 11.73
N VAL A 66 -13.91 -14.35 11.11
CA VAL A 66 -13.84 -14.49 9.66
C VAL A 66 -15.18 -14.44 8.94
N TRP A 67 -16.25 -14.59 9.70
CA TRP A 67 -17.58 -14.66 9.13
C TRP A 67 -18.34 -13.34 9.21
N GLY A 68 -17.69 -12.31 9.74
CA GLY A 68 -18.36 -11.02 9.97
C GLY A 68 -18.59 -10.21 8.70
N ASN A 69 -19.62 -9.37 8.72
CA ASN A 69 -20.00 -8.57 7.57
C ASN A 69 -19.06 -7.36 7.36
N ILE A 70 -18.75 -7.03 6.10
CA ILE A 70 -17.79 -5.95 5.85
C ILE A 70 -18.52 -4.65 5.59
N CYS A 71 -18.04 -3.55 6.20
CA CYS A 71 -18.49 -2.16 5.91
C CYS A 71 -17.25 -1.29 5.57
N TRP A 72 -17.46 -0.04 5.15
CA TRP A 72 -16.38 0.96 5.12
C TRP A 72 -16.16 1.67 6.47
N GLY A 73 -15.00 1.44 7.13
CA GLY A 73 -14.59 2.23 8.28
C GLY A 73 -14.08 3.58 7.80
N HIS A 74 -13.83 4.51 8.71
CA HIS A 74 -13.48 5.91 8.30
C HIS A 74 -12.58 6.52 9.33
N ALA A 75 -11.50 7.20 8.88
CA ALA A 75 -10.71 8.07 9.77
C ALA A 75 -10.21 9.30 8.97
N THR A 76 -9.81 10.38 9.65
CA THR A 76 -9.32 11.56 8.95
C THR A 76 -8.09 12.17 9.62
N SER A 77 -7.32 12.94 8.86
CA SER A 77 -6.20 13.63 9.50
C SER A 77 -5.90 14.85 8.66
N THR A 78 -5.08 15.73 9.21
CA THR A 78 -4.58 16.86 8.42
C THR A 78 -3.15 16.57 7.93
N ASP A 79 -2.50 15.55 8.52
CA ASP A 79 -1.09 15.28 8.22
C ASP A 79 -0.68 13.85 7.78
N LEU A 80 -1.66 13.01 7.43
CA LEU A 80 -1.47 11.57 7.09
C LEU A 80 -0.89 10.72 8.22
N MET A 81 -0.92 11.24 9.46
CA MET A 81 -0.29 10.58 10.59
C MET A 81 -1.11 10.54 11.86
N HIS A 82 -1.72 11.69 12.22
CA HIS A 82 -2.61 11.74 13.39
C HIS A 82 -4.03 11.52 12.96
N TRP A 83 -4.50 10.29 13.12
CA TRP A 83 -5.79 9.92 12.58
C TRP A 83 -6.92 10.09 13.58
N ALA A 84 -8.05 10.58 13.12
CA ALA A 84 -9.17 10.71 14.06
C ALA A 84 -10.18 9.69 13.62
N HIS A 85 -10.54 8.77 14.49
CA HIS A 85 -11.49 7.74 14.13
C HIS A 85 -12.90 8.31 13.96
N LYS A 86 -13.58 7.87 12.90
CA LYS A 86 -14.96 8.29 12.58
C LYS A 86 -15.93 7.10 12.56
N PRO A 87 -17.26 7.35 12.60
CA PRO A 87 -18.14 6.15 12.61
C PRO A 87 -18.10 5.43 11.24
N THR A 88 -18.61 4.22 11.15
CA THR A 88 -18.78 3.60 9.84
C THR A 88 -19.33 4.58 8.81
N ALA A 89 -18.76 4.61 7.61
CA ALA A 89 -19.17 5.52 6.57
C ALA A 89 -20.19 4.88 5.62
N ILE A 90 -19.91 3.65 5.20
CA ILE A 90 -20.83 2.88 4.37
C ILE A 90 -21.10 1.53 5.03
N ALA A 91 -22.31 1.43 5.60
CA ALA A 91 -22.70 0.24 6.35
C ALA A 91 -23.03 -0.93 5.48
N ASP A 92 -22.86 -2.15 6.00
CA ASP A 92 -23.51 -3.27 5.37
C ASP A 92 -24.96 -3.21 5.82
N GLU A 93 -25.87 -3.48 4.90
CA GLU A 93 -27.30 -3.33 5.09
C GLU A 93 -28.08 -4.25 4.15
N ASN A 94 -29.14 -4.83 4.67
CA ASN A 94 -30.10 -5.59 3.91
C ASN A 94 -29.50 -6.76 3.19
N GLY A 95 -28.60 -7.46 3.86
CA GLY A 95 -27.81 -8.51 3.27
C GLY A 95 -26.70 -8.13 2.31
N VAL A 96 -26.46 -6.85 2.13
CA VAL A 96 -25.42 -6.37 1.23
C VAL A 96 -24.23 -5.74 2.00
N GLU A 97 -23.07 -6.39 1.94
CA GLU A 97 -21.84 -5.90 2.55
C GLU A 97 -21.15 -4.86 1.65
N ALA A 98 -20.40 -3.93 2.21
CA ALA A 98 -19.84 -2.87 1.39
C ALA A 98 -18.37 -3.21 1.17
N PHE A 99 -18.12 -3.81 0.01
CA PHE A 99 -16.81 -4.20 -0.37
C PHE A 99 -16.04 -3.02 -0.95
N THR A 100 -14.81 -3.28 -1.36
CA THR A 100 -13.87 -2.24 -1.66
C THR A 100 -14.32 -1.32 -2.80
N GLY A 101 -13.82 -0.08 -2.78
CA GLY A 101 -13.97 0.81 -3.93
C GLY A 101 -13.16 2.06 -3.69
N THR A 102 -13.42 3.10 -4.49
CA THR A 102 -12.61 4.32 -4.50
C THR A 102 -13.56 5.54 -4.49
N ALA A 103 -13.01 6.74 -4.33
CA ALA A 103 -13.81 7.99 -4.27
C ALA A 103 -13.27 9.04 -5.26
N TYR A 104 -14.06 10.11 -5.45
CA TYR A 104 -13.75 11.17 -6.38
C TYR A 104 -14.74 12.33 -6.16
N TYR A 105 -14.29 13.55 -6.48
CA TYR A 105 -15.10 14.79 -6.40
C TYR A 105 -15.77 15.01 -7.72
N ASP A 106 -17.05 15.36 -7.65
CA ASP A 106 -17.88 15.68 -8.80
C ASP A 106 -18.18 17.20 -8.75
N PRO A 107 -17.17 18.05 -9.11
CA PRO A 107 -17.33 19.52 -8.97
C PRO A 107 -18.48 20.08 -9.85
N ASN A 108 -18.70 19.54 -11.06
CA ASN A 108 -19.86 19.97 -11.87
C ASN A 108 -21.20 19.32 -11.53
N ASN A 109 -21.29 18.62 -10.40
CA ASN A 109 -22.54 17.90 -10.08
C ASN A 109 -23.07 17.05 -11.26
N THR A 110 -22.17 16.46 -12.06
CA THR A 110 -22.61 15.61 -13.17
C THR A 110 -23.53 14.47 -12.72
N SER A 111 -23.48 14.09 -11.43
CA SER A 111 -24.36 13.07 -10.85
C SER A 111 -25.74 13.61 -10.45
N GLY A 112 -25.84 14.94 -10.37
CA GLY A 112 -27.05 15.60 -9.82
C GLY A 112 -27.40 15.20 -8.40
N LEU A 113 -26.42 14.74 -7.63
CA LEU A 113 -26.70 14.25 -6.26
C LEU A 113 -26.48 15.33 -5.20
N GLY A 114 -25.74 16.36 -5.61
CA GLY A 114 -25.56 17.60 -4.85
C GLY A 114 -26.29 18.74 -5.55
N ASP A 115 -25.74 19.96 -5.46
CA ASP A 115 -26.24 21.14 -6.18
C ASP A 115 -25.07 22.06 -6.54
N SER A 116 -25.35 23.21 -7.16
CA SER A 116 -24.26 24.13 -7.50
C SER A 116 -23.50 24.69 -6.28
N ALA A 117 -24.21 24.84 -5.15
CA ALA A 117 -23.64 25.41 -3.93
C ALA A 117 -22.62 24.45 -3.32
N ASN A 118 -22.97 23.17 -3.30
CA ASN A 118 -21.98 22.15 -2.98
C ASN A 118 -22.15 20.89 -3.81
N PRO A 119 -21.28 20.77 -4.83
CA PRO A 119 -21.17 19.62 -5.68
C PRO A 119 -20.82 18.45 -4.77
N PRO A 120 -21.20 17.21 -5.15
CA PRO A 120 -21.00 16.15 -4.16
C PRO A 120 -19.63 15.45 -4.31
N TYR A 121 -19.14 14.95 -3.19
CA TYR A 121 -18.07 13.93 -3.20
C TYR A 121 -18.71 12.56 -3.33
N LEU A 122 -18.06 11.68 -4.11
CA LEU A 122 -18.62 10.38 -4.51
C LEU A 122 -17.69 9.20 -4.17
N ALA A 123 -18.32 8.09 -3.83
CA ALA A 123 -17.70 6.79 -3.48
C ALA A 123 -18.45 5.70 -4.24
N TRP A 124 -17.72 4.91 -5.02
CA TRP A 124 -18.30 3.73 -5.66
C TRP A 124 -17.70 2.51 -4.93
N PHE A 125 -18.56 1.57 -4.59
CA PHE A 125 -18.18 0.34 -3.91
C PHE A 125 -18.94 -0.88 -4.40
N THR A 126 -18.31 -2.03 -4.28
CA THR A 126 -18.92 -3.28 -4.67
C THR A 126 -19.91 -3.67 -3.57
N GLY A 127 -21.15 -3.96 -3.96
CA GLY A 127 -22.12 -4.53 -3.06
C GLY A 127 -22.06 -6.03 -3.16
N TYR A 128 -21.80 -6.66 -2.03
CA TYR A 128 -21.73 -8.11 -1.94
C TYR A 128 -22.94 -8.66 -1.20
N THR A 129 -23.80 -9.38 -1.90
CA THR A 129 -24.96 -10.00 -1.30
C THR A 129 -24.48 -11.32 -0.70
N THR A 130 -24.38 -11.35 0.62
CA THR A 130 -23.78 -12.47 1.37
C THR A 130 -24.40 -13.79 0.99
N SER A 131 -25.73 -13.87 0.95
CA SER A 131 -26.41 -15.17 0.71
C SER A 131 -26.19 -15.74 -0.70
N SER A 132 -26.33 -14.90 -1.72
CA SER A 132 -26.12 -15.36 -3.08
C SER A 132 -24.65 -15.22 -3.60
N GLN A 133 -23.81 -14.47 -2.87
CA GLN A 133 -22.43 -14.13 -3.30
C GLN A 133 -22.31 -13.24 -4.53
N THR A 134 -23.38 -12.60 -4.96
CA THR A 134 -23.25 -11.70 -6.14
C THR A 134 -22.45 -10.44 -5.82
N GLN A 135 -21.79 -9.89 -6.84
CA GLN A 135 -21.05 -8.67 -6.68
C GLN A 135 -21.56 -7.65 -7.70
N ASP A 136 -22.03 -6.50 -7.22
CA ASP A 136 -22.56 -5.48 -8.14
C ASP A 136 -21.92 -4.17 -7.73
N GLN A 137 -22.11 -3.11 -8.51
CA GLN A 137 -21.43 -1.89 -8.23
C GLN A 137 -22.46 -0.90 -7.70
N ARG A 138 -22.10 -0.21 -6.61
CA ARG A 138 -22.98 0.76 -5.93
C ARG A 138 -22.35 2.13 -5.71
N LEU A 139 -23.20 3.12 -5.41
CA LEU A 139 -22.75 4.52 -5.25
C LEU A 139 -23.21 5.10 -3.90
N ALA A 140 -22.35 5.91 -3.30
CA ALA A 140 -22.72 6.71 -2.17
C ALA A 140 -22.23 8.13 -2.43
N PHE A 141 -22.81 9.09 -1.71
CA PHE A 141 -22.45 10.53 -1.93
C PHE A 141 -22.48 11.32 -0.60
N SER A 142 -21.67 12.35 -0.57
CA SER A 142 -21.55 13.18 0.61
C SER A 142 -21.64 14.61 0.17
N VAL A 143 -22.44 15.39 0.90
CA VAL A 143 -22.56 16.81 0.58
C VAL A 143 -22.05 17.68 1.71
N ASP A 144 -21.55 17.04 2.79
CA ASP A 144 -20.92 17.75 3.91
C ASP A 144 -19.39 17.54 3.88
N ASN A 145 -18.83 17.58 2.68
CA ASN A 145 -17.37 17.37 2.48
C ASN A 145 -16.80 16.10 3.12
N GLY A 146 -17.46 14.96 2.93
CA GLY A 146 -16.93 13.66 3.38
C GLY A 146 -17.24 13.26 4.80
N ALA A 147 -17.86 14.15 5.59
CA ALA A 147 -18.31 13.73 6.93
C ALA A 147 -19.33 12.57 6.97
N THR A 148 -20.39 12.66 6.14
CA THR A 148 -21.38 11.59 6.19
C THR A 148 -21.65 11.19 4.77
N TRP A 149 -22.05 9.94 4.61
CA TRP A 149 -22.23 9.35 3.30
C TRP A 149 -23.63 8.74 3.16
N THR A 150 -24.28 9.03 2.03
CA THR A 150 -25.56 8.46 1.70
C THR A 150 -25.49 7.54 0.47
N LYS A 151 -26.06 6.35 0.62
CA LYS A 151 -26.15 5.41 -0.52
C LYS A 151 -27.18 5.91 -1.50
N PHE A 152 -26.80 5.92 -2.78
CA PHE A 152 -27.61 6.33 -3.88
C PHE A 152 -28.86 5.46 -3.99
N GLN A 153 -30.04 6.12 -4.06
CA GLN A 153 -31.32 5.41 -4.04
C GLN A 153 -31.49 4.41 -5.23
N GLY A 154 -30.89 4.73 -6.37
CA GLY A 154 -30.89 3.83 -7.54
C GLY A 154 -29.90 2.65 -7.50
N ASN A 155 -29.30 2.37 -6.34
CA ASN A 155 -28.29 1.28 -6.27
C ASN A 155 -28.90 -0.11 -6.57
N PRO A 156 -28.13 -1.03 -7.21
CA PRO A 156 -26.78 -0.85 -7.81
C PRO A 156 -26.75 0.02 -9.07
N ILE A 157 -25.70 0.76 -9.29
CA ILE A 157 -25.54 1.42 -10.57
C ILE A 157 -25.09 0.53 -11.76
N ILE A 158 -24.49 -0.64 -11.43
CA ILE A 158 -24.16 -1.70 -12.41
C ILE A 158 -24.60 -3.03 -11.85
N SER A 159 -25.62 -3.63 -12.47
CA SER A 159 -26.27 -4.82 -11.89
C SER A 159 -25.52 -6.09 -12.33
N THR A 160 -25.86 -7.24 -11.75
CA THR A 160 -25.16 -8.48 -12.19
C THR A 160 -25.57 -8.73 -13.62
N SER A 161 -26.80 -8.30 -14.01
CA SER A 161 -27.23 -8.43 -15.43
C SER A 161 -26.30 -7.69 -16.38
N GLN A 162 -25.90 -6.49 -16.01
CA GLN A 162 -24.98 -5.71 -16.88
C GLN A 162 -23.57 -6.29 -16.91
N GLU A 163 -23.21 -6.94 -15.83
CA GLU A 163 -21.86 -7.51 -15.70
C GLU A 163 -21.72 -8.86 -16.43
N ALA A 164 -22.81 -9.62 -16.49
CA ALA A 164 -22.76 -10.99 -17.02
C ALA A 164 -22.10 -11.19 -18.43
N PRO A 165 -22.34 -10.26 -19.40
CA PRO A 165 -21.65 -10.45 -20.68
C PRO A 165 -20.17 -10.31 -20.51
N HIS A 166 -19.70 -9.76 -19.39
CA HIS A 166 -18.25 -9.59 -19.17
C HIS A 166 -17.64 -10.36 -18.03
N ASP A 167 -18.47 -11.17 -17.37
CA ASP A 167 -18.10 -11.88 -16.17
C ASP A 167 -18.66 -13.29 -16.28
N ILE A 168 -17.80 -14.29 -16.53
CA ILE A 168 -18.33 -15.63 -16.87
C ILE A 168 -18.97 -16.35 -15.71
N THR A 169 -18.88 -15.76 -14.52
CA THR A 169 -19.53 -16.29 -13.32
C THR A 169 -20.92 -15.66 -13.26
N GLY A 170 -21.21 -14.73 -14.20
CA GLY A 170 -22.59 -14.19 -14.26
C GLY A 170 -22.84 -13.10 -13.25
N GLY A 171 -21.76 -12.55 -12.67
CA GLY A 171 -21.83 -11.51 -11.66
C GLY A 171 -21.45 -11.85 -10.22
N LEU A 172 -20.61 -12.85 -10.05
CA LEU A 172 -19.99 -13.17 -8.77
C LEU A 172 -18.52 -12.74 -8.71
N GLU A 173 -18.00 -12.13 -9.78
CA GLU A 173 -16.58 -11.85 -9.92
C GLU A 173 -16.32 -10.55 -10.71
N SER A 174 -16.78 -9.45 -10.13
CA SER A 174 -16.72 -8.11 -10.73
C SER A 174 -16.69 -7.19 -9.54
N ARG A 175 -15.57 -6.54 -9.28
CA ARG A 175 -15.45 -5.82 -8.01
C ARG A 175 -14.36 -4.73 -8.00
N ASP A 176 -14.36 -3.94 -6.93
CA ASP A 176 -13.28 -3.07 -6.54
C ASP A 176 -13.18 -1.86 -7.48
N PRO A 177 -14.32 -1.17 -7.70
CA PRO A 177 -14.29 -0.14 -8.80
C PRO A 177 -13.35 1.00 -8.47
N LYS A 178 -12.40 1.28 -9.38
CA LYS A 178 -11.58 2.47 -9.37
C LYS A 178 -12.32 3.46 -10.34
N VAL A 179 -12.62 4.68 -9.89
CA VAL A 179 -13.36 5.63 -10.72
C VAL A 179 -12.69 6.97 -10.68
N PHE A 180 -12.53 7.57 -11.84
CA PHE A 180 -11.91 8.90 -11.95
C PHE A 180 -12.44 9.60 -13.21
N PHE A 181 -12.38 10.92 -13.20
CA PHE A 181 -12.94 11.69 -14.32
C PHE A 181 -11.85 11.91 -15.35
N HIS A 182 -12.13 11.50 -16.58
CA HIS A 182 -11.13 11.58 -17.63
C HIS A 182 -11.35 12.85 -18.47
N ARG A 183 -10.49 13.85 -18.22
CA ARG A 183 -10.60 15.19 -18.79
C ARG A 183 -10.55 15.16 -20.34
N GLN A 184 -9.52 14.53 -20.87
CA GLN A 184 -9.31 14.43 -22.31
C GLN A 184 -10.53 13.94 -23.07
N SER A 185 -11.37 13.11 -22.44
CA SER A 185 -12.52 12.56 -23.14
C SER A 185 -13.85 13.01 -22.57
N GLY A 186 -13.85 13.74 -21.46
CA GLY A 186 -15.13 14.23 -20.88
C GLY A 186 -16.06 13.22 -20.21
N ASN A 187 -15.56 12.00 -19.98
CA ASN A 187 -16.31 10.93 -19.26
C ASN A 187 -15.70 10.47 -17.93
N TRP A 188 -16.57 10.04 -17.02
CA TRP A 188 -16.21 9.16 -15.91
C TRP A 188 -15.74 7.81 -16.45
N ILE A 189 -14.71 7.25 -15.82
CA ILE A 189 -14.07 6.00 -16.21
C ILE A 189 -14.16 5.07 -14.99
N MET A 190 -14.70 3.88 -15.17
CA MET A 190 -14.70 2.93 -14.06
C MET A 190 -13.83 1.75 -14.50
N VAL A 191 -12.90 1.36 -13.61
CA VAL A 191 -12.07 0.16 -13.83
C VAL A 191 -12.46 -0.91 -12.81
N LEU A 192 -12.88 -2.08 -13.29
CA LEU A 192 -13.39 -3.15 -12.44
C LEU A 192 -12.45 -4.35 -12.55
N ALA A 193 -12.23 -5.03 -11.44
CA ALA A 193 -11.40 -6.22 -11.42
C ALA A 193 -12.24 -7.44 -11.49
N HIS A 194 -11.69 -8.48 -12.14
CA HIS A 194 -12.40 -9.79 -12.30
C HIS A 194 -11.72 -11.06 -11.78
N GLY A 195 -10.96 -10.91 -10.70
CA GLY A 195 -10.54 -12.09 -9.95
C GLY A 195 -9.71 -13.04 -10.79
N GLY A 196 -10.09 -14.33 -10.74
CA GLY A 196 -9.41 -15.41 -11.48
C GLY A 196 -9.62 -15.41 -13.00
N GLN A 197 -10.47 -14.52 -13.49
CA GLN A 197 -10.53 -14.25 -14.95
C GLN A 197 -9.34 -13.38 -15.41
N ASP A 198 -8.48 -12.95 -14.48
CA ASP A 198 -7.23 -12.27 -14.81
C ASP A 198 -7.39 -11.17 -15.83
N LYS A 199 -8.31 -10.23 -15.54
CA LYS A 199 -8.50 -9.06 -16.38
C LYS A 199 -9.18 -7.97 -15.57
N LEU A 200 -9.02 -6.73 -16.03
CA LEU A 200 -9.81 -5.55 -15.60
C LEU A 200 -10.77 -5.19 -16.76
N SER A 201 -11.89 -4.56 -16.45
CA SER A 201 -12.78 -4.03 -17.48
C SER A 201 -12.87 -2.51 -17.29
N PHE A 202 -13.00 -1.80 -18.43
CA PHE A 202 -13.13 -0.35 -18.50
C PHE A 202 -14.52 0.01 -18.93
N TRP A 203 -15.15 0.91 -18.18
CA TRP A 203 -16.51 1.32 -18.42
C TRP A 203 -16.54 2.85 -18.42
N THR A 204 -17.44 3.45 -19.21
CA THR A 204 -17.56 4.93 -19.25
C THR A 204 -18.96 5.37 -18.81
N SER A 205 -19.06 6.57 -18.26
CA SER A 205 -20.35 7.17 -17.90
C SER A 205 -20.24 8.70 -17.99
N ALA A 206 -21.36 9.37 -18.28
CA ALA A 206 -21.40 10.86 -18.21
C ALA A 206 -21.91 11.38 -16.86
N ASP A 207 -22.73 10.58 -16.19
CA ASP A 207 -23.42 11.01 -14.98
C ASP A 207 -23.07 10.23 -13.70
N THR A 208 -22.04 9.35 -13.77
CA THR A 208 -21.56 8.50 -12.62
C THR A 208 -22.49 7.31 -12.26
N ILE A 209 -23.65 7.25 -12.92
CA ILE A 209 -24.72 6.32 -12.55
C ILE A 209 -25.00 5.26 -13.62
N ASN A 210 -24.97 5.71 -14.88
CA ASN A 210 -25.27 4.89 -16.07
C ASN A 210 -24.01 4.56 -16.83
N TRP A 211 -23.64 3.27 -16.80
CA TRP A 211 -22.30 2.91 -17.23
C TRP A 211 -22.40 2.12 -18.50
N THR A 212 -21.33 2.14 -19.28
CA THR A 212 -21.22 1.39 -20.50
C THR A 212 -19.84 0.74 -20.61
N TRP A 213 -19.83 -0.57 -20.85
CA TRP A 213 -18.58 -1.30 -20.96
C TRP A 213 -17.86 -0.84 -22.23
N GLN A 214 -16.55 -0.63 -22.17
CA GLN A 214 -15.75 -0.30 -23.36
C GLN A 214 -14.74 -1.38 -23.73
N SER A 215 -13.98 -1.85 -22.75
CA SER A 215 -12.93 -2.85 -23.04
C SER A 215 -12.55 -3.66 -21.81
N ASP A 216 -11.80 -4.71 -22.08
CA ASP A 216 -11.13 -5.52 -21.09
C ASP A 216 -9.62 -5.36 -21.30
N LEU A 217 -8.86 -5.36 -20.21
CA LEU A 217 -7.39 -5.41 -20.25
C LEU A 217 -7.14 -6.79 -19.66
N LYS A 218 -6.64 -7.73 -20.48
CA LYS A 218 -6.46 -9.12 -20.09
C LYS A 218 -4.99 -9.49 -19.90
N SER A 219 -4.68 -10.35 -18.92
CA SER A 219 -3.29 -10.78 -18.71
C SER A 219 -2.59 -11.20 -20.00
N THR A 220 -3.30 -11.94 -20.87
CA THR A 220 -2.75 -12.43 -22.13
C THR A 220 -2.35 -11.30 -23.08
N SER A 221 -2.82 -10.10 -22.83
CA SER A 221 -2.50 -9.03 -23.72
C SER A 221 -1.30 -8.22 -23.22
N ILE A 222 -0.75 -8.55 -22.04
CA ILE A 222 0.27 -7.67 -21.46
C ILE A 222 1.59 -8.39 -21.63
N ASN A 223 2.44 -7.85 -22.50
CA ASN A 223 3.73 -8.51 -22.81
C ASN A 223 4.64 -8.51 -21.60
N GLY A 224 5.09 -9.69 -21.21
CA GLY A 224 6.04 -9.84 -20.09
C GLY A 224 5.40 -10.12 -18.73
N LEU A 225 4.08 -10.29 -18.74
CA LEU A 225 3.33 -10.55 -17.50
C LEU A 225 3.11 -12.03 -17.42
N SER A 226 3.72 -12.66 -16.42
CA SER A 226 3.62 -14.10 -16.17
C SER A 226 2.19 -14.61 -15.89
N SER A 227 1.94 -15.83 -16.35
CA SER A 227 0.74 -16.63 -16.10
C SER A 227 0.45 -16.91 -14.65
N ASP A 228 1.50 -16.82 -13.83
CA ASP A 228 1.37 -17.10 -12.42
C ASP A 228 0.63 -15.95 -11.71
N ILE A 229 0.42 -14.85 -12.41
CA ILE A 229 -0.09 -13.65 -11.74
C ILE A 229 -1.59 -13.59 -11.88
N THR A 230 -2.27 -14.16 -10.91
CA THR A 230 -3.71 -14.41 -11.08
C THR A 230 -4.52 -13.78 -9.93
N GLY A 231 -5.84 -13.62 -10.09
CA GLY A 231 -6.69 -13.19 -8.96
C GLY A 231 -6.62 -11.68 -8.83
N TRP A 232 -6.93 -10.99 -9.92
CA TRP A 232 -6.77 -9.50 -9.99
C TRP A 232 -7.82 -8.77 -9.15
N GLU A 233 -7.35 -7.92 -8.23
CA GLU A 233 -8.17 -7.18 -7.28
C GLU A 233 -7.58 -5.78 -7.08
N VAL A 234 -8.42 -4.88 -6.53
CA VAL A 234 -8.00 -3.58 -6.03
C VAL A 234 -7.26 -2.71 -7.10
N PRO A 235 -7.93 -2.42 -8.23
CA PRO A 235 -7.21 -1.54 -9.19
C PRO A 235 -7.14 -0.10 -8.71
N ASP A 236 -6.08 0.60 -9.09
CA ASP A 236 -6.08 2.06 -9.02
C ASP A 236 -5.53 2.50 -10.37
N MET A 237 -5.83 3.75 -10.71
CA MET A 237 -5.38 4.32 -11.97
C MET A 237 -5.17 5.82 -11.87
N PHE A 238 -4.03 6.30 -12.38
CA PHE A 238 -3.73 7.75 -12.31
C PHE A 238 -2.61 8.10 -13.32
N GLU A 239 -2.39 9.40 -13.56
CA GLU A 239 -1.13 9.82 -14.27
C GLU A 239 0.05 10.15 -13.33
N LEU A 240 1.24 9.71 -13.71
CA LEU A 240 2.50 9.98 -13.03
C LEU A 240 3.47 10.73 -13.93
N PRO A 241 4.02 11.85 -13.46
CA PRO A 241 5.18 12.47 -14.10
C PRO A 241 6.32 11.47 -14.27
N VAL A 242 6.95 11.44 -15.44
CA VAL A 242 7.92 10.38 -15.68
C VAL A 242 9.39 10.70 -15.66
N GLU A 243 9.75 11.76 -14.95
CA GLU A 243 10.77 11.66 -13.91
C GLU A 243 10.87 12.96 -13.12
N GLY A 244 11.71 13.88 -13.60
CA GLY A 244 11.24 15.05 -14.29
C GLY A 244 11.57 15.04 -15.77
N THR A 245 10.58 15.31 -16.61
CA THR A 245 10.76 15.29 -18.05
C THR A 245 9.52 15.80 -18.77
N GLU A 246 8.73 16.63 -18.08
CA GLU A 246 7.58 17.27 -18.68
C GLU A 246 6.53 16.32 -19.30
N GLU A 247 6.94 15.11 -19.68
CA GLU A 247 5.97 14.07 -20.07
C GLU A 247 5.36 13.31 -18.85
N THR A 248 4.08 12.94 -18.96
CA THR A 248 3.47 12.02 -17.99
C THR A 248 3.13 10.66 -18.63
N THR A 249 2.69 9.71 -17.80
CA THR A 249 2.25 8.41 -18.29
C THR A 249 1.09 7.92 -17.43
N TRP A 250 0.27 7.03 -17.98
CA TRP A 250 -0.81 6.45 -17.18
C TRP A 250 -0.22 5.24 -16.43
N VAL A 251 -0.67 5.09 -15.19
CA VAL A 251 -0.26 3.96 -14.33
C VAL A 251 -1.52 3.20 -13.91
N VAL A 252 -1.51 1.88 -14.11
CA VAL A 252 -2.50 1.12 -13.39
C VAL A 252 -1.79 0.29 -12.39
N MET A 253 -2.31 0.33 -11.16
CA MET A 253 -1.74 -0.39 -10.04
C MET A 253 -2.83 -1.37 -9.59
N MET A 254 -2.48 -2.60 -9.22
CA MET A 254 -3.46 -3.56 -8.67
C MET A 254 -2.77 -4.55 -7.74
N THR A 255 -3.60 -5.34 -7.05
CA THR A 255 -3.16 -6.37 -6.14
C THR A 255 -3.68 -7.73 -6.59
N PRO A 256 -2.87 -8.42 -7.41
CA PRO A 256 -3.21 -9.78 -7.76
C PRO A 256 -3.03 -10.65 -6.53
N ALA A 257 -3.83 -11.72 -6.46
CA ALA A 257 -3.80 -12.64 -5.33
C ALA A 257 -2.62 -13.63 -5.31
N GLU A 258 -1.94 -13.75 -6.45
CA GLU A 258 -0.86 -14.74 -6.59
C GLU A 258 0.29 -14.14 -7.34
N GLY A 259 1.52 -14.56 -7.04
CA GLY A 259 2.64 -14.26 -7.97
C GLY A 259 3.67 -13.27 -7.47
N SER A 260 3.47 -12.76 -6.25
CA SER A 260 4.37 -11.76 -5.74
C SER A 260 5.74 -12.33 -5.36
N PRO A 261 6.78 -11.47 -5.34
CA PRO A 261 8.12 -11.89 -4.88
C PRO A 261 8.12 -12.73 -3.59
N ALA A 262 7.49 -12.28 -2.51
CA ALA A 262 7.46 -13.10 -1.29
C ALA A 262 6.42 -14.21 -1.31
N GLY A 263 5.73 -14.34 -2.41
CA GLY A 263 4.71 -15.34 -2.57
C GLY A 263 3.38 -14.83 -2.10
N GLY A 264 2.31 -15.15 -2.81
CA GLY A 264 0.98 -14.77 -2.42
C GLY A 264 0.56 -13.45 -2.98
N ASN A 265 -0.34 -12.77 -2.30
CA ASN A 265 -0.87 -11.54 -2.81
C ASN A 265 0.23 -10.49 -2.89
N GLY A 266 0.12 -9.53 -3.77
CA GLY A 266 1.13 -8.50 -3.87
C GLY A 266 0.73 -7.31 -4.70
N VAL A 267 1.45 -6.22 -4.61
CA VAL A 267 1.10 -5.04 -5.32
C VAL A 267 2.03 -4.76 -6.48
N LEU A 268 1.48 -4.57 -7.66
CA LEU A 268 2.30 -4.26 -8.81
C LEU A 268 1.75 -3.05 -9.56
N ALA A 269 2.58 -2.44 -10.41
CA ALA A 269 2.15 -1.32 -11.23
C ALA A 269 2.74 -1.46 -12.63
N ILE A 270 2.00 -0.94 -13.60
CA ILE A 270 2.15 -1.14 -15.05
C ILE A 270 1.91 0.26 -15.65
N THR A 271 2.81 0.70 -16.54
CA THR A 271 2.59 1.94 -17.33
C THR A 271 1.99 1.66 -18.67
N GLY A 272 1.36 2.67 -19.29
CA GLY A 272 0.82 2.55 -20.67
C GLY A 272 0.04 3.77 -21.11
N SER A 273 -0.64 3.70 -22.26
CA SER A 273 -1.49 4.84 -22.68
C SER A 273 -2.99 4.55 -22.49
N PHE A 274 -3.76 5.62 -22.38
CA PHE A 274 -5.19 5.50 -22.17
C PHE A 274 -5.91 6.54 -23.04
N ASP A 275 -6.87 6.09 -23.84
CA ASP A 275 -7.66 6.98 -24.71
C ASP A 275 -9.08 7.23 -24.25
N GLY A 276 -9.41 6.94 -23.00
CA GLY A 276 -10.80 7.10 -22.52
C GLY A 276 -11.65 5.83 -22.66
N LYS A 277 -11.15 4.84 -23.40
CA LYS A 277 -11.92 3.61 -23.56
C LYS A 277 -11.08 2.38 -23.22
N SER A 278 -9.83 2.37 -23.62
CA SER A 278 -9.02 1.21 -23.39
C SER A 278 -7.60 1.59 -22.99
N PHE A 279 -6.99 0.74 -22.15
CA PHE A 279 -5.61 0.91 -21.71
C PHE A 279 -4.65 0.05 -22.53
N THR A 280 -3.57 0.65 -23.02
CA THR A 280 -2.55 -0.11 -23.73
C THR A 280 -1.29 -0.10 -22.89
N ALA A 281 -0.95 -1.27 -22.37
CA ALA A 281 0.16 -1.45 -21.45
C ALA A 281 1.48 -1.37 -22.20
N ASP A 282 2.51 -0.81 -21.55
CA ASP A 282 3.87 -0.95 -22.05
C ASP A 282 4.34 -2.36 -21.76
N PRO A 283 5.42 -2.81 -22.43
CA PRO A 283 5.98 -4.09 -22.00
C PRO A 283 6.21 -3.99 -20.50
N VAL A 284 6.04 -5.07 -19.75
CA VAL A 284 6.39 -5.00 -18.34
C VAL A 284 7.64 -5.83 -18.11
N ASP A 285 8.33 -5.48 -17.05
CA ASP A 285 9.51 -6.21 -16.65
C ASP A 285 9.26 -6.71 -15.22
N ALA A 286 9.26 -8.02 -15.03
CA ALA A 286 9.05 -8.57 -13.71
C ALA A 286 9.96 -7.97 -12.62
N SER A 287 11.16 -7.52 -13.03
CA SER A 287 12.15 -7.06 -12.04
C SER A 287 11.84 -5.63 -11.56
N THR A 288 10.91 -4.96 -12.21
CA THR A 288 10.58 -3.61 -11.80
C THR A 288 9.09 -3.36 -11.54
N MET A 289 8.22 -4.33 -11.82
CA MET A 289 6.77 -4.06 -11.72
C MET A 289 6.18 -4.10 -10.27
N TRP A 290 6.81 -4.88 -9.37
CA TRP A 290 6.26 -5.10 -8.03
C TRP A 290 6.66 -3.97 -7.09
N LEU A 291 5.68 -3.47 -6.34
CA LEU A 291 5.92 -2.36 -5.45
C LEU A 291 6.40 -2.76 -4.04
N ASP A 292 6.52 -4.06 -3.75
CA ASP A 292 7.01 -4.50 -2.44
C ASP A 292 7.43 -5.95 -2.56
N ASN A 293 8.51 -6.30 -1.90
CA ASN A 293 9.06 -7.66 -1.96
C ASN A 293 8.88 -8.38 -0.63
N GLY A 294 8.12 -7.79 0.29
CA GLY A 294 7.80 -8.48 1.54
C GLY A 294 6.44 -9.18 1.43
N ARG A 295 5.98 -9.76 2.54
CA ARG A 295 4.68 -10.42 2.59
C ARG A 295 3.50 -9.43 2.74
N ASP A 296 3.73 -8.41 3.57
CA ASP A 296 2.65 -7.57 4.14
C ASP A 296 2.56 -6.16 3.57
N PHE A 297 2.10 -6.06 2.33
CA PHE A 297 1.76 -4.77 1.70
C PHE A 297 0.83 -5.22 0.59
N ASP A 298 -0.49 -5.02 0.73
CA ASP A 298 -1.43 -5.57 -0.25
C ASP A 298 -2.71 -4.67 -0.31
N GLY A 299 -3.35 -4.55 -1.47
CA GLY A 299 -4.58 -3.72 -1.61
C GLY A 299 -4.26 -2.24 -1.49
N ALA A 300 -3.19 -1.80 -2.18
CA ALA A 300 -2.77 -0.39 -2.17
C ALA A 300 -3.72 0.48 -2.98
N LEU A 301 -4.02 1.67 -2.46
CA LEU A 301 -4.70 2.71 -3.24
C LEU A 301 -3.94 4.04 -3.10
N SER A 302 -4.27 5.04 -3.93
CA SER A 302 -3.61 6.34 -3.78
C SER A 302 -4.65 7.36 -3.39
N TRP A 303 -4.20 8.44 -2.75
CA TRP A 303 -5.08 9.57 -2.44
C TRP A 303 -5.32 10.40 -3.70
N VAL A 304 -6.59 10.57 -4.07
CA VAL A 304 -6.99 11.34 -5.21
C VAL A 304 -7.33 12.77 -4.73
N ASN A 305 -7.37 13.70 -5.70
CA ASN A 305 -7.81 15.06 -5.43
C ASN A 305 -6.73 15.83 -4.63
N VAL A 306 -5.47 15.45 -4.81
CA VAL A 306 -4.42 16.10 -4.09
C VAL A 306 -4.11 17.38 -4.91
N PRO A 307 -4.12 18.55 -4.26
CA PRO A 307 -3.88 19.76 -5.07
C PRO A 307 -2.48 19.76 -5.72
N ALA A 308 -2.42 20.40 -6.90
CA ALA A 308 -1.20 20.43 -7.70
C ALA A 308 0.02 20.99 -6.95
N SER A 309 -0.18 21.92 -6.03
CA SER A 309 0.94 22.53 -5.27
C SER A 309 1.64 21.50 -4.39
N ASP A 310 0.89 20.45 -4.04
CA ASP A 310 1.44 19.29 -3.36
C ASP A 310 1.99 18.42 -4.46
N GLY A 311 1.08 17.91 -5.30
CA GLY A 311 1.38 17.13 -6.50
C GLY A 311 1.91 15.71 -6.33
N ARG A 312 2.01 15.24 -5.09
CA ARG A 312 2.53 13.87 -4.81
C ARG A 312 1.51 12.75 -5.09
N ARG A 313 2.03 11.63 -5.59
CA ARG A 313 1.27 10.40 -5.61
C ARG A 313 1.61 9.63 -4.33
N ILE A 314 0.62 9.56 -3.44
CA ILE A 314 0.83 8.92 -2.13
C ILE A 314 -0.05 7.65 -2.01
N ILE A 315 0.57 6.52 -1.68
CA ILE A 315 -0.17 5.24 -1.61
C ILE A 315 -0.09 4.65 -0.20
N ALA A 316 -1.07 3.82 0.13
CA ALA A 316 -1.08 3.08 1.38
C ALA A 316 -1.80 1.76 1.14
N ALA A 317 -1.54 0.77 1.98
CA ALA A 317 -2.04 -0.61 1.75
C ALA A 317 -2.22 -1.21 3.14
N VAL A 318 -2.89 -2.37 3.24
CA VAL A 318 -2.93 -3.04 4.54
C VAL A 318 -1.72 -3.96 4.68
N MET A 319 -1.18 -4.09 5.89
CA MET A 319 -0.09 -5.00 6.19
C MET A 319 -0.72 -6.05 7.09
N ASN A 320 -1.16 -7.11 6.48
CA ASN A 320 -1.51 -8.41 7.12
C ASN A 320 -1.86 -9.38 6.03
N SER A 321 -0.91 -10.23 5.60
CA SER A 321 -1.16 -11.28 4.63
C SER A 321 -1.61 -12.58 5.32
N TYR A 322 -1.90 -12.55 6.63
CA TYR A 322 -2.16 -13.80 7.40
C TYR A 322 -3.61 -13.93 7.89
N GLY A 323 -4.57 -13.26 7.23
CA GLY A 323 -5.98 -13.29 7.75
C GLY A 323 -6.04 -13.19 9.26
N SER A 324 -6.65 -14.16 9.96
CA SER A 324 -6.97 -13.98 11.40
C SER A 324 -5.80 -14.40 12.29
N ASN A 325 -4.75 -14.92 11.68
CA ASN A 325 -3.61 -15.46 12.45
C ASN A 325 -2.73 -14.51 13.32
N PRO A 326 -2.51 -13.22 12.89
CA PRO A 326 -1.71 -12.30 13.76
C PRO A 326 -2.12 -12.38 15.24
N PRO A 327 -1.15 -12.50 16.18
CA PRO A 327 -1.49 -12.70 17.60
C PRO A 327 -1.94 -11.44 18.29
N THR A 328 -2.94 -10.78 17.71
CA THR A 328 -3.47 -9.54 18.27
C THR A 328 -4.97 -9.72 18.42
N THR A 329 -5.49 -9.17 19.52
CA THR A 329 -6.83 -9.48 19.99
C THR A 329 -7.84 -8.37 19.84
N THR A 330 -7.51 -7.15 20.25
CA THR A 330 -8.52 -6.07 20.20
C THR A 330 -8.59 -5.35 18.82
N TRP A 331 -7.70 -5.80 17.92
CA TRP A 331 -7.57 -5.21 16.56
C TRP A 331 -6.85 -6.21 15.69
N LYS A 332 -6.97 -6.13 14.34
CA LYS A 332 -6.14 -6.93 13.39
C LYS A 332 -6.00 -6.17 12.09
N GLY A 333 -4.85 -6.21 11.41
CA GLY A 333 -4.63 -5.35 10.25
C GLY A 333 -4.11 -3.98 10.63
N MET A 334 -3.05 -3.53 9.95
CA MET A 334 -2.56 -2.18 10.19
C MET A 334 -2.33 -1.51 8.86
N LEU A 335 -2.45 -0.18 8.79
CA LEU A 335 -2.16 0.47 7.52
C LEU A 335 -0.61 0.60 7.44
N SER A 336 -0.07 0.45 6.24
CA SER A 336 1.35 0.80 5.97
C SER A 336 1.56 2.31 6.23
N PHE A 337 2.81 2.74 6.44
CA PHE A 337 3.02 4.17 6.56
C PHE A 337 2.92 4.79 5.16
N PRO A 338 2.13 5.86 4.99
CA PRO A 338 2.01 6.42 3.65
C PRO A 338 3.36 6.72 3.01
N ARG A 339 3.47 6.36 1.72
CA ARG A 339 4.67 6.62 0.98
C ARG A 339 4.35 7.18 -0.38
N THR A 340 5.24 8.03 -0.89
CA THR A 340 5.12 8.48 -2.28
C THR A 340 5.51 7.39 -3.26
N LEU A 341 4.91 7.46 -4.44
CA LEU A 341 5.25 6.63 -5.59
C LEU A 341 5.66 7.55 -6.76
N SER A 342 6.83 7.28 -7.35
CA SER A 342 7.33 8.05 -8.50
C SER A 342 8.03 7.14 -9.51
N LEU A 343 8.14 7.64 -10.73
CA LEU A 343 9.01 7.00 -11.73
C LEU A 343 10.28 7.83 -11.91
N LYS A 344 11.44 7.18 -11.73
CA LYS A 344 12.73 7.87 -11.89
C LYS A 344 13.87 6.95 -12.23
N LYS A 345 14.88 7.53 -12.87
CA LYS A 345 16.03 6.75 -13.30
C LYS A 345 16.96 6.52 -12.13
N VAL A 346 17.25 5.24 -11.95
CA VAL A 346 18.19 4.77 -10.97
C VAL A 346 19.17 4.02 -11.88
N GLY A 347 20.42 4.50 -11.93
CA GLY A 347 21.33 4.13 -13.04
C GLY A 347 20.72 4.70 -14.32
N THR A 348 20.60 3.84 -15.33
CA THR A 348 19.81 4.16 -16.55
C THR A 348 18.44 3.42 -16.64
N GLN A 349 18.13 2.58 -15.64
CA GLN A 349 16.79 1.94 -15.59
C GLN A 349 15.78 2.84 -14.89
N GLN A 350 14.66 3.06 -15.55
CA GLN A 350 13.52 3.69 -14.90
C GLN A 350 12.89 2.70 -13.91
N HIS A 351 12.73 3.14 -12.66
CA HIS A 351 12.11 2.34 -11.64
C HIS A 351 10.90 3.04 -11.06
N PHE A 352 9.97 2.26 -10.54
CA PHE A 352 9.02 2.86 -9.59
C PHE A 352 9.82 2.99 -8.31
N VAL A 353 9.68 4.14 -7.70
CA VAL A 353 10.44 4.43 -6.50
C VAL A 353 9.50 4.91 -5.38
N GLN A 354 9.72 4.38 -4.17
CA GLN A 354 8.88 4.75 -3.00
C GLN A 354 9.70 5.18 -1.78
N GLN A 355 9.19 6.20 -1.09
CA GLN A 355 9.80 6.78 0.10
C GLN A 355 8.71 7.20 1.06
N PRO A 356 8.94 7.02 2.38
CA PRO A 356 7.94 7.50 3.32
C PRO A 356 7.72 8.95 3.06
N ILE A 357 6.49 9.40 3.27
CA ILE A 357 6.21 10.83 3.16
C ILE A 357 7.07 11.69 4.07
N THR A 358 7.38 12.91 3.60
CA THR A 358 8.26 13.78 4.39
C THR A 358 7.64 14.23 5.68
N GLU A 359 6.31 14.23 5.78
CA GLU A 359 5.63 14.44 7.10
C GLU A 359 6.20 13.63 8.26
N LEU A 360 6.66 12.41 7.98
CA LEU A 360 7.29 11.59 9.05
C LEU A 360 8.45 12.34 9.77
N ASP A 361 9.21 13.14 9.02
CA ASP A 361 10.35 13.88 9.60
C ASP A 361 9.92 14.89 10.69
N THR A 362 8.65 15.28 10.71
CA THR A 362 8.12 16.19 11.71
C THR A 362 7.78 15.53 13.04
N ILE A 363 7.72 14.20 13.07
CA ILE A 363 7.37 13.51 14.31
C ILE A 363 8.49 12.64 14.82
N SER A 364 9.69 12.76 14.24
CA SER A 364 10.82 11.96 14.72
C SER A 364 11.97 12.80 15.27
N THR A 365 12.74 12.20 16.18
CA THR A 365 13.87 12.87 16.82
C THR A 365 15.10 11.96 16.83
N SER A 366 16.28 12.53 16.52
CA SER A 366 17.49 11.71 16.54
C SER A 366 17.88 11.31 17.94
N LEU A 367 18.07 10.01 18.10
CA LEU A 367 18.67 9.47 19.28
C LEU A 367 20.19 9.26 19.08
N GLN A 368 20.60 8.89 17.87
CA GLN A 368 21.99 8.67 17.57
C GLN A 368 22.25 9.05 16.12
N ILE A 369 23.35 9.77 15.89
CA ILE A 369 23.80 10.12 14.54
C ILE A 369 25.30 9.75 14.39
N LEU A 370 25.64 9.07 13.30
CA LEU A 370 27.05 8.78 12.98
C LEU A 370 27.35 9.44 11.63
N ALA A 371 28.54 10.06 11.51
CA ALA A 371 29.07 10.55 10.21
C ALA A 371 30.49 10.03 9.97
N ASN A 372 30.68 9.40 8.82
CA ASN A 372 32.01 8.94 8.38
C ASN A 372 32.71 8.10 9.37
N GLN A 373 32.04 6.99 9.73
CA GLN A 373 32.53 6.11 10.75
C GLN A 373 32.86 4.77 10.13
N THR A 374 34.03 4.27 10.43
CA THR A 374 34.38 3.00 9.84
C THR A 374 33.91 1.86 10.72
N ILE A 375 33.37 0.83 10.09
CA ILE A 375 32.91 -0.33 10.85
C ILE A 375 33.77 -1.51 10.34
N THR A 376 34.19 -2.38 11.26
CA THR A 376 35.03 -3.52 10.91
C THR A 376 34.51 -4.74 11.63
N PRO A 377 34.72 -5.91 11.03
CA PRO A 377 34.30 -7.15 11.64
C PRO A 377 34.74 -7.24 13.10
N GLY A 378 33.79 -7.51 13.98
CA GLY A 378 34.09 -7.56 15.38
C GLY A 378 33.42 -6.45 16.15
N GLN A 379 33.23 -5.25 15.56
CA GLN A 379 32.51 -4.18 16.25
C GLN A 379 30.98 -4.35 16.18
N THR A 380 30.29 -3.79 17.16
CA THR A 380 28.82 -3.76 17.19
C THR A 380 28.50 -2.30 17.51
N LEU A 381 27.99 -1.57 16.52
CA LEU A 381 27.53 -0.22 16.76
C LEU A 381 26.02 -0.17 17.18
N LEU A 382 25.58 0.98 17.71
CA LEU A 382 24.17 1.31 18.10
C LEU A 382 23.68 0.53 19.32
N SER A 383 24.61 0.05 20.13
CA SER A 383 24.31 -0.84 21.26
C SER A 383 23.60 -0.17 22.42
N SER A 384 23.63 1.16 22.47
CA SER A 384 22.98 1.85 23.59
C SER A 384 21.52 2.14 23.30
N ILE A 385 21.12 2.10 22.05
CA ILE A 385 19.72 2.44 21.66
C ILE A 385 18.64 1.49 22.28
N ARG A 386 17.57 2.07 22.82
CA ARG A 386 16.40 1.30 23.19
C ARG A 386 15.16 1.95 22.57
N GLY A 387 14.46 1.24 21.69
CA GLY A 387 13.18 1.72 21.21
C GLY A 387 12.47 0.70 20.36
N THR A 388 11.14 0.78 20.35
CA THR A 388 10.33 -0.11 19.54
C THR A 388 9.71 0.69 18.37
N ALA A 389 9.88 2.03 18.36
CA ALA A 389 9.37 2.93 17.29
C ALA A 389 10.52 3.80 16.76
N LEU A 390 11.14 3.37 15.66
CA LEU A 390 12.43 3.93 15.18
C LEU A 390 12.34 4.14 13.67
N ASP A 391 13.06 5.14 13.19
CA ASP A 391 13.25 5.33 11.75
C ASP A 391 14.72 5.54 11.41
N VAL A 392 15.41 4.45 11.12
CA VAL A 392 16.88 4.46 11.08
C VAL A 392 17.40 4.42 9.65
N ARG A 393 18.02 5.51 9.23
CA ARG A 393 18.75 5.53 7.96
C ARG A 393 20.18 5.05 8.14
N VAL A 394 20.67 4.28 7.17
CA VAL A 394 22.11 3.99 7.07
C VAL A 394 22.54 4.24 5.61
N ALA A 395 23.64 4.97 5.42
CA ALA A 395 24.22 5.13 4.07
C ALA A 395 25.72 4.80 4.17
N PHE A 396 26.22 3.88 3.32
CA PHE A 396 27.53 3.28 3.53
C PHE A 396 28.25 2.84 2.24
N TYR A 397 29.59 2.78 2.32
CA TYR A 397 30.43 2.38 1.19
C TYR A 397 30.96 1.07 1.64
N PRO A 398 30.38 -0.02 1.14
CA PRO A 398 30.88 -1.28 1.68
C PRO A 398 32.14 -1.78 0.93
N ASP A 399 33.01 -2.47 1.65
CA ASP A 399 34.01 -3.32 0.99
C ASP A 399 33.44 -4.46 0.09
N ALA A 400 34.13 -4.72 -1.02
CA ALA A 400 33.81 -5.83 -1.91
C ALA A 400 33.72 -7.11 -1.12
N GLY A 401 32.59 -7.83 -1.25
CA GLY A 401 32.40 -9.09 -0.51
C GLY A 401 32.04 -8.95 0.97
N SER A 402 31.81 -7.72 1.40
CA SER A 402 31.27 -7.45 2.75
C SER A 402 29.73 -7.64 2.82
N VAL A 403 29.27 -7.98 4.02
CA VAL A 403 27.84 -8.10 4.32
C VAL A 403 27.56 -7.18 5.52
N LEU A 404 26.81 -6.08 5.30
CA LEU A 404 26.38 -5.22 6.42
C LEU A 404 25.08 -5.75 7.03
N SER A 405 25.05 -5.88 8.34
CA SER A 405 23.81 -6.28 8.97
C SER A 405 23.30 -5.31 10.04
N LEU A 406 22.02 -4.92 9.92
CA LEU A 406 21.36 -4.10 10.94
C LEU A 406 20.26 -4.98 11.55
N ALA A 407 20.48 -5.44 12.78
CA ALA A 407 19.45 -6.13 13.57
C ALA A 407 18.52 -5.14 14.30
N VAL A 408 17.23 -5.19 14.03
CA VAL A 408 16.27 -4.30 14.75
C VAL A 408 15.36 -5.12 15.71
N ARG A 409 14.71 -4.47 16.67
CA ARG A 409 13.88 -5.16 17.65
C ARG A 409 14.68 -6.34 18.28
N LYS A 410 15.88 -6.02 18.79
CA LYS A 410 16.81 -7.04 19.27
C LYS A 410 16.69 -7.23 20.78
N GLY A 411 16.57 -8.49 21.18
CA GLY A 411 16.58 -8.87 22.59
C GLY A 411 17.50 -10.06 22.75
N ALA A 412 17.39 -10.71 23.91
CA ALA A 412 18.16 -11.93 24.23
C ALA A 412 18.28 -12.96 23.10
N SER A 413 17.15 -13.53 22.69
CA SER A 413 17.10 -14.52 21.58
C SER A 413 16.24 -14.05 20.37
N GLU A 414 15.95 -12.75 20.31
CA GLU A 414 15.11 -12.24 19.24
C GLU A 414 15.86 -11.19 18.43
N GLN A 415 15.57 -11.11 17.13
CA GLN A 415 16.07 -10.03 16.27
C GLN A 415 15.44 -10.15 14.87
N THR A 416 15.35 -9.05 14.15
CA THR A 416 14.88 -9.03 12.78
C THR A 416 16.04 -8.36 12.08
N VAL A 417 16.67 -9.09 11.14
CA VAL A 417 17.95 -8.67 10.59
C VAL A 417 17.81 -8.18 9.16
N ILE A 418 18.19 -6.93 8.93
CA ILE A 418 18.32 -6.42 7.59
C ILE A 418 19.80 -6.55 7.14
N LYS A 419 20.05 -7.25 6.03
CA LYS A 419 21.43 -7.36 5.48
C LYS A 419 21.53 -6.77 4.10
N TYR A 420 22.68 -6.18 3.83
CA TYR A 420 23.10 -5.90 2.46
C TYR A 420 24.30 -6.77 2.09
N THR A 421 24.10 -7.68 1.13
CA THR A 421 25.17 -8.51 0.62
C THR A 421 25.73 -7.83 -0.63
N GLN A 422 26.95 -7.31 -0.48
CA GLN A 422 27.58 -6.54 -1.58
C GLN A 422 27.77 -7.38 -2.85
N SER A 423 28.16 -8.64 -2.66
CA SER A 423 28.63 -9.45 -3.79
C SER A 423 27.52 -9.79 -4.77
N ASP A 424 26.29 -9.94 -4.25
CA ASP A 424 25.17 -10.18 -5.16
C ASP A 424 24.15 -9.08 -5.14
N ALA A 425 24.53 -7.90 -4.66
CA ALA A 425 23.66 -6.69 -4.59
C ALA A 425 22.22 -6.97 -4.06
N THR A 426 22.10 -7.66 -2.93
CA THR A 426 20.78 -8.10 -2.42
C THR A 426 20.51 -7.43 -1.06
N LEU A 427 19.35 -6.76 -0.97
CA LEU A 427 18.82 -6.34 0.30
C LEU A 427 17.93 -7.48 0.87
N SER A 428 18.19 -7.94 2.08
CA SER A 428 17.39 -9.03 2.63
C SER A 428 16.84 -8.68 4.03
N VAL A 429 15.66 -9.22 4.35
CA VAL A 429 15.02 -9.05 5.64
C VAL A 429 14.73 -10.45 6.19
N ASP A 430 15.29 -10.75 7.36
CA ASP A 430 15.32 -12.12 7.84
C ASP A 430 14.52 -12.21 9.15
N ARG A 431 13.42 -12.95 9.12
CA ARG A 431 12.51 -13.00 10.26
C ARG A 431 12.55 -14.34 10.98
N THR A 432 13.55 -15.17 10.66
CA THR A 432 13.70 -16.49 11.32
C THR A 432 13.80 -16.41 12.81
N GLU A 433 14.25 -15.27 13.37
CA GLU A 433 14.29 -15.09 14.82
C GLU A 433 13.55 -13.85 15.37
N SER A 434 12.56 -13.35 14.64
CA SER A 434 11.85 -12.12 15.04
C SER A 434 11.14 -12.18 16.37
N GLY A 435 10.65 -13.37 16.77
CA GLY A 435 9.85 -13.46 17.99
C GLY A 435 8.81 -14.53 17.74
N ASP A 436 7.55 -14.16 17.88
CA ASP A 436 6.48 -15.12 17.58
C ASP A 436 6.34 -15.21 16.05
N ILE A 437 6.91 -16.28 15.47
CA ILE A 437 6.64 -16.68 14.11
C ILE A 437 5.82 -18.00 14.04
N SER A 438 5.16 -18.37 15.14
CA SER A 438 4.38 -19.63 15.13
C SER A 438 2.94 -19.37 14.63
N TYR A 439 2.52 -18.11 14.53
CA TYR A 439 1.10 -17.83 14.23
C TYR A 439 0.72 -18.16 12.79
N ASP A 440 1.71 -18.28 11.89
CA ASP A 440 1.39 -18.61 10.49
C ASP A 440 2.64 -19.19 9.88
N PRO A 441 2.48 -20.17 8.97
CA PRO A 441 3.65 -20.77 8.28
C PRO A 441 4.53 -19.74 7.53
N ALA A 442 3.92 -18.67 7.06
CA ALA A 442 4.68 -17.68 6.31
C ALA A 442 5.21 -16.51 7.17
N ALA A 443 5.11 -16.64 8.49
CA ALA A 443 5.51 -15.54 9.39
C ALA A 443 7.02 -15.28 9.47
N GLY A 444 7.84 -16.21 8.99
CA GLY A 444 9.31 -16.09 9.20
C GLY A 444 10.04 -16.01 7.89
N GLY A 445 11.14 -16.76 7.78
CA GLY A 445 11.85 -16.86 6.50
C GLY A 445 12.60 -15.59 6.17
N VAL A 446 13.03 -15.45 4.92
CA VAL A 446 13.88 -14.34 4.52
C VAL A 446 13.35 -13.82 3.20
N HIS A 447 13.21 -12.50 3.08
CA HIS A 447 12.72 -11.86 1.85
C HIS A 447 13.86 -11.03 1.27
N THR A 448 13.94 -10.91 -0.05
CA THR A 448 15.07 -10.24 -0.62
C THR A 448 14.59 -9.33 -1.71
N ALA A 449 15.42 -8.36 -2.05
CA ALA A 449 15.18 -7.47 -3.16
C ALA A 449 16.50 -7.01 -3.77
N LYS A 450 16.50 -6.73 -5.06
CA LYS A 450 17.72 -6.34 -5.72
C LYS A 450 18.00 -4.89 -5.35
N LEU A 451 19.24 -4.64 -4.88
CA LEU A 451 19.70 -3.28 -4.54
C LEU A 451 21.17 -3.07 -4.94
N GLU A 452 21.46 -2.10 -5.81
CA GLU A 452 22.85 -1.87 -6.26
C GLU A 452 23.44 -0.65 -5.56
N GLU A 453 24.79 -0.57 -5.54
CA GLU A 453 25.51 0.67 -5.20
C GLU A 453 25.11 1.73 -6.20
N ASP A 454 25.07 2.98 -5.77
CA ASP A 454 24.93 4.04 -6.78
C ASP A 454 26.32 4.28 -7.49
N GLY A 455 26.39 5.30 -8.34
CA GLY A 455 27.63 5.58 -9.09
C GLY A 455 28.78 6.14 -8.25
N THR A 456 28.53 6.47 -6.97
CA THR A 456 29.57 6.90 -6.05
C THR A 456 30.00 5.72 -5.19
N GLY A 457 29.34 4.57 -5.37
CA GLY A 457 29.63 3.39 -4.54
C GLY A 457 28.80 3.38 -3.24
N LEU A 458 27.85 4.33 -3.10
CA LEU A 458 27.07 4.49 -1.86
C LEU A 458 25.82 3.62 -1.85
N VAL A 459 25.73 2.71 -0.89
CA VAL A 459 24.45 1.98 -0.63
C VAL A 459 23.61 2.64 0.50
N SER A 460 22.33 2.93 0.18
CA SER A 460 21.38 3.53 1.15
C SER A 460 20.22 2.60 1.56
N ILE A 461 19.93 2.58 2.86
CA ILE A 461 18.92 1.73 3.45
C ILE A 461 18.23 2.50 4.57
N ARG A 462 16.91 2.37 4.62
CA ARG A 462 16.09 3.05 5.61
C ARG A 462 15.02 2.05 6.08
N VAL A 463 14.82 2.01 7.42
CA VAL A 463 13.92 1.04 8.08
C VAL A 463 13.01 1.78 9.02
N LEU A 464 11.69 1.72 8.77
CA LEU A 464 10.72 2.17 9.74
C LEU A 464 10.40 0.95 10.62
N VAL A 465 10.66 1.06 11.90
CA VAL A 465 10.42 -0.01 12.85
C VAL A 465 9.22 0.45 13.71
N ASP A 466 8.25 -0.45 13.98
CA ASP A 466 7.17 -0.11 14.90
C ASP A 466 6.87 -1.38 15.74
N THR A 467 5.84 -1.34 16.60
CA THR A 467 5.57 -2.45 17.55
C THR A 467 5.53 -3.84 16.91
N CYS A 468 4.94 -3.95 15.73
CA CYS A 468 4.82 -5.23 15.08
C CYS A 468 5.08 -5.11 13.56
N SER A 469 5.99 -4.22 13.13
CA SER A 469 6.34 -4.17 11.69
C SER A 469 7.72 -3.59 11.32
N VAL A 470 8.19 -3.91 10.10
CA VAL A 470 9.30 -3.23 9.44
C VAL A 470 8.93 -2.89 8.03
N GLU A 471 9.31 -1.69 7.61
CA GLU A 471 9.19 -1.31 6.26
C GLU A 471 10.57 -0.82 5.88
N VAL A 472 11.18 -1.53 4.93
CA VAL A 472 12.61 -1.35 4.60
C VAL A 472 12.70 -0.81 3.15
N PHE A 473 13.32 0.37 2.97
CA PHE A 473 13.50 0.99 1.66
C PHE A 473 14.99 0.95 1.24
N GLY A 474 15.31 0.48 0.02
CA GLY A 474 16.72 0.42 -0.47
C GLY A 474 16.95 1.49 -1.51
N GLY A 475 18.14 2.12 -1.48
CA GLY A 475 18.58 3.01 -2.58
C GLY A 475 17.71 4.23 -2.57
N GLN A 476 17.20 4.60 -3.73
CA GLN A 476 16.23 5.71 -3.81
C GLN A 476 14.81 5.24 -3.56
N GLY A 477 14.62 3.95 -3.32
CA GLY A 477 13.30 3.42 -3.04
C GLY A 477 12.87 2.44 -4.12
N GLU A 478 13.85 1.96 -4.95
CA GLU A 478 13.65 0.93 -5.99
C GLU A 478 13.40 -0.38 -5.35
N ALA A 479 13.84 -0.51 -4.11
CA ALA A 479 13.63 -1.76 -3.40
C ALA A 479 12.83 -1.49 -2.11
N VAL A 480 11.81 -2.28 -1.86
CA VAL A 480 11.02 -2.14 -0.63
C VAL A 480 10.56 -3.51 -0.14
N ILE A 481 10.72 -3.75 1.16
CA ILE A 481 10.26 -4.96 1.80
C ILE A 481 9.48 -4.56 3.08
N SER A 482 8.18 -4.83 3.09
CA SER A 482 7.30 -4.49 4.20
C SER A 482 6.81 -5.79 4.82
N ASP A 483 7.01 -5.96 6.12
CA ASP A 483 6.68 -7.22 6.77
C ASP A 483 6.24 -7.03 8.23
N LEU A 484 5.26 -7.81 8.69
CA LEU A 484 4.86 -7.82 10.11
C LEU A 484 5.85 -8.63 10.90
N ILE A 485 6.06 -8.25 12.16
CA ILE A 485 6.95 -9.02 13.08
C ILE A 485 6.32 -8.95 14.44
N PHE A 486 6.50 -9.99 15.27
CA PHE A 486 5.94 -9.94 16.64
C PHE A 486 6.95 -10.23 17.74
N PRO A 487 7.91 -9.29 17.99
CA PRO A 487 8.94 -9.46 19.05
C PRO A 487 8.36 -9.13 20.41
N SER A 488 9.03 -9.57 21.49
CA SER A 488 8.55 -9.22 22.86
C SER A 488 8.75 -7.77 22.96
N ASP A 489 8.06 -7.13 23.90
CA ASP A 489 8.30 -5.71 24.10
C ASP A 489 9.76 -5.42 24.52
N SER A 490 10.37 -6.33 25.27
CA SER A 490 11.71 -6.04 25.77
C SER A 490 12.75 -6.23 24.65
N SER A 491 12.32 -6.67 23.47
CA SER A 491 13.24 -6.81 22.33
C SER A 491 13.33 -5.46 21.63
N ASP A 492 14.06 -4.52 22.23
CA ASP A 492 14.05 -3.13 21.74
C ASP A 492 15.46 -2.60 21.45
N GLY A 493 16.43 -3.48 21.24
CA GLY A 493 17.78 -3.02 20.89
C GLY A 493 18.02 -2.98 19.39
N LEU A 494 19.19 -2.44 18.99
CA LEU A 494 19.70 -2.52 17.63
C LEU A 494 21.11 -3.09 17.67
N ALA A 495 21.58 -3.69 16.58
CA ALA A 495 23.00 -4.04 16.46
C ALA A 495 23.42 -3.87 15.03
N LEU A 496 24.40 -2.98 14.78
CA LEU A 496 24.95 -2.78 13.44
C LEU A 496 26.37 -3.44 13.38
N GLU A 497 26.53 -4.41 12.49
CA GLU A 497 27.77 -5.21 12.37
C GLU A 497 28.15 -5.34 10.92
N VAL A 498 29.35 -5.82 10.65
CA VAL A 498 29.78 -6.11 9.29
C VAL A 498 30.63 -7.38 9.34
N THR A 499 30.53 -8.20 8.31
CA THR A 499 31.38 -9.38 8.14
C THR A 499 32.00 -9.35 6.74
N GLY A 500 33.13 -10.06 6.58
CA GLY A 500 33.72 -10.31 5.27
C GLY A 500 34.38 -9.09 4.65
N GLY A 501 34.59 -8.07 5.46
CA GLY A 501 35.03 -6.79 4.94
C GLY A 501 34.70 -5.67 5.91
N ASN A 502 35.10 -4.45 5.53
CA ASN A 502 34.78 -3.27 6.28
C ASN A 502 33.74 -2.53 5.53
N ALA A 503 33.19 -1.51 6.19
CA ALA A 503 32.42 -0.49 5.49
C ALA A 503 32.69 0.82 6.15
N VAL A 504 32.60 1.87 5.35
CA VAL A 504 32.63 3.20 5.85
C VAL A 504 31.17 3.63 5.90
N LEU A 505 30.69 4.08 7.07
CA LEU A 505 29.30 4.51 7.21
C LEU A 505 29.31 5.97 6.98
N GLN A 506 28.89 6.39 5.81
CA GLN A 506 28.86 7.79 5.55
C GLN A 506 27.90 8.50 6.54
N SER A 507 26.66 8.01 6.68
CA SER A 507 25.75 8.44 7.78
C SER A 507 24.89 7.31 8.33
N VAL A 508 24.47 7.51 9.58
CA VAL A 508 23.53 6.67 10.30
C VAL A 508 22.80 7.70 11.12
N ASP A 509 21.47 7.66 11.05
CA ASP A 509 20.61 8.56 11.83
C ASP A 509 19.53 7.62 12.41
N VAL A 510 19.65 7.27 13.68
CA VAL A 510 18.62 6.47 14.40
C VAL A 510 17.73 7.46 15.07
N ARG A 511 16.49 7.52 14.65
CA ARG A 511 15.54 8.47 15.24
C ARG A 511 14.41 7.73 15.96
N SER A 512 13.98 8.20 17.13
CA SER A 512 12.68 7.69 17.65
C SER A 512 11.50 8.44 16.98
N VAL A 513 10.36 7.73 16.88
CA VAL A 513 9.16 8.28 16.27
C VAL A 513 8.04 8.30 17.33
N SER A 514 7.33 9.42 17.43
CA SER A 514 6.22 9.54 18.36
C SER A 514 5.11 10.44 17.80
N LEU A 515 3.87 9.99 17.96
CA LEU A 515 2.72 10.79 17.56
C LEU A 515 2.39 11.85 18.60
N GLU A 516 2.77 11.58 19.85
CA GLU A 516 3.16 12.63 20.78
C GLU A 516 3.03 12.16 22.23
#